data_3PWY
#
_entry.id   3PWY
#
_cell.length_a   122.376
_cell.length_b   122.376
_cell.length_c   47.632
_cell.angle_alpha   90.00
_cell.angle_beta   90.00
_cell.angle_gamma   120.00
#
_symmetry.space_group_name_H-M   'P 32 2 1'
#
loop_
_entity.id
_entity.type
_entity.pdbx_description
1 polymer '3-phosphoinositide-dependent protein kinase 1'
2 non-polymer N-[2-({6-[(2-sulfanylethyl)amino]pyrimidin-4-yl}amino)ethyl]propanamide
#
_entity_poly.entity_id   1
_entity_poly.type   'polypeptide(L)'
_entity_poly.pdbx_seq_one_letter_code
;GPMDGTAAEPRPGAGSLQHAQPPPQPRKKRPEDFKFGKILGEGSFSTVVLARELATSREYAIKILEKRHIIKENKVPYVT
RERDVMSRLDHPFFVKLYFTFQDDEKLYFGLSYAKNGCLLKYIRKIGSFDETCTRFYTAEIVSALEYLHGKGIIHRDLKP
ENILLNEDMHIQITDFGTAKVLSPESKQARANSFVGTAQYVSPELLTEKSASKSSDLWALGCIIYQLVAGLPPFRAGNEY
LIFQKIIKLEYDFPEKFFPKARDLVEKLLVLDATKRLGCEEMEGYGPLKAHPFFESVTWENLHQQTPPKLT
;
_entity_poly.pdbx_strand_id   A
#
# COMPACT_ATOMS: atom_id res chain seq x y z
N PRO A 23 -11.68 2.18 -30.77
CA PRO A 23 -10.82 3.12 -30.05
C PRO A 23 -9.33 2.90 -30.31
N PRO A 24 -8.61 3.92 -30.80
CA PRO A 24 -7.17 3.83 -31.06
C PRO A 24 -6.29 4.29 -29.90
N GLN A 25 -5.56 3.35 -29.30
CA GLN A 25 -4.62 3.65 -28.22
C GLN A 25 -3.34 4.30 -28.77
N PRO A 26 -2.72 5.21 -27.99
CA PRO A 26 -1.49 5.89 -28.40
C PRO A 26 -0.39 4.90 -28.81
N ARG A 27 0.43 5.32 -29.77
CA ARG A 27 1.48 4.48 -30.35
C ARG A 27 2.23 3.65 -29.31
N LYS A 28 2.34 2.34 -29.57
CA LYS A 28 3.04 1.43 -28.68
C LYS A 28 4.49 1.88 -28.51
N LYS A 29 4.83 2.25 -27.28
CA LYS A 29 6.13 2.86 -26.97
C LYS A 29 7.29 1.87 -27.02
N ARG A 30 8.51 2.38 -26.91
CA ARG A 30 9.73 1.58 -26.97
C ARG A 30 10.85 2.21 -26.11
N PRO A 31 11.86 1.42 -25.71
CA PRO A 31 12.88 1.90 -24.77
C PRO A 31 13.58 3.17 -25.22
N GLU A 32 13.84 3.27 -26.52
CA GLU A 32 14.54 4.41 -27.11
C GLU A 32 13.79 5.74 -26.92
N ASP A 33 12.50 5.67 -26.59
CA ASP A 33 11.67 6.86 -26.42
C ASP A 33 11.97 7.61 -25.12
N PHE A 34 12.93 7.11 -24.34
CA PHE A 34 13.21 7.64 -23.01
C PHE A 34 14.68 7.96 -22.76
N LYS A 35 14.91 8.93 -21.89
CA LYS A 35 16.23 9.16 -21.31
C LYS A 35 16.21 8.67 -19.86
N PHE A 36 16.81 7.50 -19.64
CA PHE A 36 16.80 6.85 -18.33
C PHE A 36 17.69 7.57 -17.32
N GLY A 37 17.28 7.53 -16.06
CA GLY A 37 18.00 8.20 -14.98
C GLY A 37 18.36 7.26 -13.84
N LYS A 38 18.25 7.77 -12.62
CA LYS A 38 18.67 7.01 -11.44
C LYS A 38 17.78 5.82 -11.11
N ILE A 39 18.36 4.85 -10.42
CA ILE A 39 17.61 3.70 -9.92
C ILE A 39 16.86 4.11 -8.66
N LEU A 40 15.54 4.11 -8.76
CA LEU A 40 14.68 4.49 -7.65
C LEU A 40 14.49 3.34 -6.67
N GLY A 41 14.43 2.12 -7.19
CA GLY A 41 14.25 0.93 -6.36
C GLY A 41 14.70 -0.34 -7.06
N GLU A 42 15.17 -1.29 -6.26
CA GLU A 42 15.57 -2.60 -6.77
C GLU A 42 14.83 -3.73 -6.05
N GLY A 43 13.93 -4.37 -6.79
CA GLY A 43 13.20 -5.53 -6.26
C GLY A 43 13.93 -6.83 -6.54
N SER A 44 13.24 -7.93 -6.28
CA SER A 44 13.79 -9.27 -6.48
C SER A 44 13.73 -9.71 -7.93
N PHE A 45 12.64 -9.35 -8.61
CA PHE A 45 12.41 -9.78 -10.00
C PHE A 45 12.45 -8.62 -10.98
N SER A 46 12.57 -7.39 -10.46
CA SER A 46 12.56 -6.18 -11.28
C SER A 46 13.48 -5.07 -10.77
N THR A 47 13.63 -4.03 -11.60
CA THR A 47 14.40 -2.84 -11.27
C THR A 47 13.62 -1.61 -11.73
N VAL A 48 13.44 -0.65 -10.81
CA VAL A 48 12.67 0.56 -11.12
C VAL A 48 13.59 1.77 -11.34
N VAL A 49 13.56 2.29 -12.56
CA VAL A 49 14.42 3.40 -12.98
C VAL A 49 13.60 4.59 -13.46
N LEU A 50 13.95 5.78 -12.94
CA LEU A 50 13.34 7.03 -13.37
C LEU A 50 13.73 7.31 -14.81
N ALA A 51 12.75 7.66 -15.65
CA ALA A 51 13.02 7.92 -17.06
C ALA A 51 12.20 9.09 -17.56
N ARG A 52 12.76 9.82 -18.52
CA ARG A 52 12.06 10.94 -19.14
C ARG A 52 11.73 10.63 -20.59
N GLU A 53 10.45 10.67 -20.92
CA GLU A 53 9.95 10.51 -22.28
C GLU A 53 10.48 11.65 -23.14
N LEU A 54 10.95 11.32 -24.34
CA LEU A 54 11.64 12.29 -25.17
C LEU A 54 10.71 13.32 -25.82
N ALA A 55 9.59 12.85 -26.35
CA ALA A 55 8.67 13.72 -27.09
C ALA A 55 7.90 14.69 -26.17
N THR A 56 7.58 14.23 -24.98
CA THR A 56 6.76 14.99 -24.04
C THR A 56 7.57 15.68 -22.96
N SER A 57 8.69 15.05 -22.57
CA SER A 57 9.54 15.49 -21.47
C SER A 57 8.91 15.21 -20.10
N ARG A 58 8.22 14.06 -20.01
CA ARG A 58 7.54 13.63 -18.79
C ARG A 58 8.34 12.60 -18.02
N GLU A 59 8.34 12.72 -16.70
CA GLU A 59 9.01 11.75 -15.84
C GLU A 59 8.08 10.60 -15.46
N TYR A 60 8.44 9.39 -15.89
CA TYR A 60 7.77 8.18 -15.46
C TYR A 60 8.77 7.30 -14.74
N ALA A 61 8.29 6.54 -13.77
CA ALA A 61 9.13 5.54 -13.13
C ALA A 61 8.89 4.21 -13.82
N ILE A 62 9.82 3.83 -14.69
CA ILE A 62 9.66 2.60 -15.45
C ILE A 62 10.22 1.42 -14.67
N LYS A 63 9.33 0.50 -14.29
CA LYS A 63 9.72 -0.78 -13.70
C LYS A 63 10.20 -1.68 -14.82
N ILE A 64 11.42 -2.18 -14.68
CA ILE A 64 12.03 -3.04 -15.71
C ILE A 64 12.24 -4.44 -15.16
N LEU A 65 11.59 -5.41 -15.82
CA LEU A 65 11.60 -6.80 -15.38
C LEU A 65 12.14 -7.72 -16.48
N GLU A 66 13.04 -8.62 -16.10
CA GLU A 66 13.64 -9.57 -17.05
C GLU A 66 12.75 -10.82 -17.18
N LYS A 67 12.18 -11.00 -18.38
CA LYS A 67 11.27 -12.11 -18.66
C LYS A 67 11.85 -13.49 -18.33
N ARG A 68 13.08 -13.73 -18.76
CA ARG A 68 13.75 -15.02 -18.53
C ARG A 68 13.84 -15.36 -17.05
N HIS A 69 14.09 -14.34 -16.22
CA HIS A 69 14.14 -14.51 -14.78
C HIS A 69 12.75 -14.66 -14.16
N ILE A 70 11.72 -14.11 -14.82
CA ILE A 70 10.33 -14.26 -14.40
C ILE A 70 9.82 -15.68 -14.65
N ILE A 71 10.11 -16.20 -15.84
CA ILE A 71 9.68 -17.54 -16.26
C ILE A 71 10.25 -18.64 -15.37
N LYS A 72 11.54 -18.51 -15.04
CA LYS A 72 12.24 -19.50 -14.21
C LYS A 72 11.75 -19.52 -12.76
N GLU A 73 11.33 -18.36 -12.25
CA GLU A 73 10.91 -18.25 -10.86
C GLU A 73 9.40 -18.41 -10.66
N ASN A 74 8.71 -18.75 -11.76
CA ASN A 74 7.26 -18.98 -11.77
C ASN A 74 6.43 -17.78 -11.31
N LYS A 75 6.92 -16.58 -11.61
CA LYS A 75 6.25 -15.34 -11.22
C LYS A 75 5.46 -14.75 -12.37
N VAL A 76 5.12 -15.59 -13.33
CA VAL A 76 4.29 -15.21 -14.48
C VAL A 76 2.91 -14.70 -14.04
N PRO A 77 2.24 -15.39 -13.10
CA PRO A 77 0.99 -14.86 -12.57
C PRO A 77 1.16 -13.54 -11.81
N TYR A 78 2.24 -13.43 -11.04
CA TYR A 78 2.48 -12.24 -10.22
C TYR A 78 2.68 -10.97 -11.04
N VAL A 79 3.45 -11.08 -12.12
CA VAL A 79 3.70 -9.93 -13.01
C VAL A 79 2.45 -9.56 -13.80
N THR A 80 1.71 -10.57 -14.25
CA THR A 80 0.45 -10.37 -14.98
C THR A 80 -0.59 -9.67 -14.08
N ARG A 81 -0.73 -10.17 -12.86
CA ARG A 81 -1.68 -9.63 -11.89
C ARG A 81 -1.37 -8.17 -11.55
N GLU A 82 -0.08 -7.87 -11.39
CA GLU A 82 0.37 -6.50 -11.12
C GLU A 82 -0.03 -5.55 -12.24
N ARG A 83 0.08 -6.03 -13.47
CA ARG A 83 -0.28 -5.25 -14.65
C ARG A 83 -1.78 -5.02 -14.71
N ASP A 84 -2.55 -6.09 -14.57
CA ASP A 84 -4.01 -6.05 -14.69
C ASP A 84 -4.68 -5.16 -13.66
N VAL A 85 -4.21 -5.24 -12.41
CA VAL A 85 -4.75 -4.44 -11.32
C VAL A 85 -4.44 -2.95 -11.50
N MET A 86 -3.17 -2.62 -11.70
CA MET A 86 -2.73 -1.23 -11.80
C MET A 86 -3.33 -0.52 -13.02
N SER A 87 -3.78 -1.30 -13.99
CA SER A 87 -4.51 -0.77 -15.15
C SER A 87 -5.92 -0.38 -14.75
N ARG A 88 -6.56 -1.27 -13.97
CA ARG A 88 -7.95 -1.10 -13.54
C ARG A 88 -8.16 0.06 -12.59
N LEU A 89 -7.19 0.30 -11.71
CA LEU A 89 -7.29 1.37 -10.73
C LEU A 89 -7.34 2.73 -11.42
N ASP A 90 -8.31 3.55 -11.03
CA ASP A 90 -8.49 4.88 -11.58
C ASP A 90 -8.78 5.85 -10.45
N HIS A 91 -7.81 5.99 -9.55
CA HIS A 91 -7.99 6.71 -8.29
C HIS A 91 -6.68 7.40 -7.90
N PRO A 92 -6.77 8.66 -7.40
CA PRO A 92 -5.60 9.46 -7.02
C PRO A 92 -4.67 8.81 -5.99
N PHE A 93 -5.22 8.09 -5.03
CA PHE A 93 -4.40 7.47 -3.98
C PHE A 93 -3.73 6.17 -4.42
N PHE A 94 -3.81 5.87 -5.72
CA PHE A 94 -3.19 4.69 -6.30
C PHE A 94 -2.28 5.05 -7.47
N VAL A 95 -1.11 4.42 -7.52
CA VAL A 95 -0.12 4.62 -8.59
C VAL A 95 -0.68 4.16 -9.93
N LYS A 96 -0.64 5.06 -10.91
CA LYS A 96 -1.19 4.77 -12.24
C LYS A 96 -0.19 4.08 -13.15
N LEU A 97 -0.68 3.12 -13.93
CA LEU A 97 0.11 2.48 -14.98
C LEU A 97 -0.26 3.15 -16.31
N TYR A 98 0.68 3.92 -16.85
CA TYR A 98 0.43 4.71 -18.06
C TYR A 98 0.60 3.91 -19.35
N PHE A 99 1.57 3.01 -19.37
CA PHE A 99 1.88 2.20 -20.56
C PHE A 99 2.67 0.94 -20.22
N THR A 100 2.50 -0.09 -21.05
CA THR A 100 3.35 -1.28 -21.00
C THR A 100 4.01 -1.48 -22.37
N PHE A 101 5.30 -1.79 -22.37
CA PHE A 101 6.01 -2.17 -23.58
C PHE A 101 7.14 -3.14 -23.28
N GLN A 102 7.61 -3.85 -24.32
CA GLN A 102 8.66 -4.84 -24.13
C GLN A 102 9.50 -5.08 -25.40
N ASP A 103 10.73 -5.53 -25.19
CA ASP A 103 11.58 -6.01 -26.28
C ASP A 103 11.82 -7.53 -26.17
N ASP A 104 13.06 -7.96 -26.40
CA ASP A 104 13.39 -9.39 -26.45
C ASP A 104 13.41 -10.07 -25.07
N GLU A 105 14.06 -9.42 -24.11
CA GLU A 105 14.33 -10.05 -22.81
C GLU A 105 13.63 -9.35 -21.65
N LYS A 106 13.15 -8.13 -21.88
CA LYS A 106 12.64 -7.30 -20.79
C LYS A 106 11.22 -6.77 -20.96
N LEU A 107 10.53 -6.61 -19.82
CA LEU A 107 9.25 -5.92 -19.77
C LEU A 107 9.45 -4.56 -19.12
N TYR A 108 8.74 -3.56 -19.62
CA TYR A 108 8.83 -2.20 -19.09
C TYR A 108 7.46 -1.72 -18.64
N PHE A 109 7.37 -1.25 -17.40
CA PHE A 109 6.10 -0.77 -16.85
C PHE A 109 6.15 0.72 -16.58
N GLY A 110 5.37 1.48 -17.34
CA GLY A 110 5.33 2.92 -17.22
C GLY A 110 4.47 3.38 -16.07
N LEU A 111 5.06 3.42 -14.88
CA LEU A 111 4.34 3.83 -13.67
C LEU A 111 4.60 5.28 -13.34
N SER A 112 3.72 5.88 -12.53
CA SER A 112 3.89 7.27 -12.11
C SER A 112 5.01 7.43 -11.09
N TYR A 113 5.65 8.60 -11.10
CA TYR A 113 6.81 8.88 -10.28
C TYR A 113 6.41 9.56 -8.96
N ALA A 114 6.54 8.82 -7.87
CA ALA A 114 6.25 9.34 -6.53
C ALA A 114 7.48 10.09 -6.02
N LYS A 115 7.45 11.42 -6.19
CA LYS A 115 8.62 12.27 -5.93
C LYS A 115 9.18 12.18 -4.51
N ASN A 116 8.30 12.21 -3.52
CA ASN A 116 8.71 12.26 -2.12
C ASN A 116 9.14 10.93 -1.50
N GLY A 117 8.70 9.83 -2.08
CA GLY A 117 9.15 8.50 -1.67
C GLY A 117 8.22 7.75 -0.73
N CYS A 118 8.79 6.83 0.03
CA CYS A 118 8.04 5.98 0.97
C CYS A 118 7.41 6.79 2.10
N LEU A 119 6.32 6.26 2.66
CA LEU A 119 5.76 6.80 3.89
C LEU A 119 6.74 6.48 5.03
N LEU A 120 7.26 5.25 5.00
CA LEU A 120 8.26 4.78 5.95
C LEU A 120 9.45 5.73 6.01
N LYS A 121 9.85 6.25 4.85
CA LYS A 121 10.92 7.24 4.78
C LYS A 121 10.59 8.44 5.67
N TYR A 122 9.37 8.95 5.52
CA TYR A 122 8.94 10.12 6.29
C TYR A 122 8.59 9.81 7.74
N ILE A 123 8.31 8.54 8.04
CA ILE A 123 8.12 8.09 9.42
C ILE A 123 9.46 8.16 10.15
N ARG A 124 10.48 7.54 9.57
CA ARG A 124 11.83 7.52 10.13
C ARG A 124 12.41 8.94 10.28
N LYS A 125 12.14 9.78 9.29
CA LYS A 125 12.68 11.15 9.23
C LYS A 125 12.19 12.02 10.40
N ILE A 126 10.93 11.83 10.79
CA ILE A 126 10.33 12.67 11.84
C ILE A 126 10.11 11.93 13.17
N GLY A 127 10.48 10.65 13.20
CA GLY A 127 10.34 9.84 14.41
C GLY A 127 8.96 9.24 14.55
N SER A 128 7.96 10.10 14.65
CA SER A 128 6.56 9.69 14.72
C SER A 128 5.63 10.86 14.36
N PHE A 129 4.52 10.54 13.71
CA PHE A 129 3.50 11.52 13.32
C PHE A 129 2.75 12.00 14.56
N ASP A 130 2.34 13.27 14.56
CA ASP A 130 1.48 13.80 15.62
C ASP A 130 0.00 13.59 15.26
N GLU A 131 -0.90 14.12 16.09
CA GLU A 131 -2.34 13.83 15.97
C GLU A 131 -2.97 14.20 14.62
N THR A 132 -2.64 15.38 14.10
CA THR A 132 -3.18 15.84 12.81
C THR A 132 -2.60 15.05 11.64
N CYS A 133 -1.28 14.87 11.65
CA CYS A 133 -0.58 14.13 10.59
C CYS A 133 -1.05 12.69 10.50
N THR A 134 -1.10 12.00 11.64
CA THR A 134 -1.62 10.62 11.69
C THR A 134 -3.04 10.60 11.14
N ARG A 135 -3.91 11.42 11.72
CA ARG A 135 -5.31 11.53 11.31
C ARG A 135 -5.45 11.67 9.80
N PHE A 136 -4.73 12.63 9.23
CA PHE A 136 -4.82 12.90 7.79
C PHE A 136 -4.40 11.72 6.93
N TYR A 137 -3.21 11.17 7.22
CA TYR A 137 -2.66 10.08 6.42
C TYR A 137 -3.35 8.75 6.66
N THR A 138 -3.95 8.60 7.85
CA THR A 138 -4.80 7.46 8.13
C THR A 138 -6.04 7.54 7.24
N ALA A 139 -6.65 8.73 7.19
CA ALA A 139 -7.84 8.98 6.40
C ALA A 139 -7.66 8.62 4.92
N GLU A 140 -6.50 8.99 4.38
CA GLU A 140 -6.19 8.75 2.97
C GLU A 140 -6.07 7.26 2.65
N ILE A 141 -5.50 6.50 3.58
CA ILE A 141 -5.40 5.05 3.41
C ILE A 141 -6.79 4.43 3.43
N VAL A 142 -7.62 4.84 4.38
CA VAL A 142 -9.01 4.38 4.47
C VAL A 142 -9.76 4.72 3.18
N SER A 143 -9.62 5.96 2.74
CA SER A 143 -10.24 6.44 1.51
C SER A 143 -9.86 5.55 0.32
N ALA A 144 -8.58 5.18 0.26
CA ALA A 144 -8.06 4.34 -0.81
C ALA A 144 -8.49 2.87 -0.67
N LEU A 145 -8.49 2.36 0.56
CA LEU A 145 -8.90 0.98 0.85
C LEU A 145 -10.36 0.75 0.45
N GLU A 146 -11.21 1.73 0.76
CA GLU A 146 -12.61 1.70 0.39
C GLU A 146 -12.77 1.52 -1.13
N TYR A 147 -11.87 2.16 -1.88
CA TYR A 147 -11.83 2.01 -3.33
C TYR A 147 -11.37 0.61 -3.73
N LEU A 148 -10.23 0.19 -3.20
CA LEU A 148 -9.62 -1.10 -3.54
C LEU A 148 -10.52 -2.27 -3.21
N HIS A 149 -11.13 -2.25 -2.03
CA HIS A 149 -12.03 -3.32 -1.61
C HIS A 149 -13.38 -3.22 -2.32
N GLY A 150 -13.79 -2.00 -2.65
CA GLY A 150 -15.00 -1.77 -3.44
C GLY A 150 -14.90 -2.39 -4.82
N LYS A 151 -13.69 -2.41 -5.37
CA LYS A 151 -13.44 -3.05 -6.67
C LYS A 151 -13.05 -4.52 -6.54
N GLY A 152 -13.20 -5.06 -5.32
CA GLY A 152 -13.01 -6.48 -5.06
C GLY A 152 -11.57 -6.96 -5.14
N ILE A 153 -10.66 -6.17 -4.60
CA ILE A 153 -9.25 -6.52 -4.56
C ILE A 153 -8.73 -6.41 -3.13
N ILE A 154 -7.88 -7.36 -2.73
CA ILE A 154 -7.27 -7.36 -1.42
C ILE A 154 -5.75 -7.26 -1.56
N HIS A 155 -5.17 -6.21 -0.97
CA HIS A 155 -3.74 -5.93 -1.11
C HIS A 155 -2.84 -7.06 -0.60
N ARG A 156 -3.13 -7.55 0.60
CA ARG A 156 -2.39 -8.66 1.21
C ARG A 156 -0.94 -8.35 1.62
N ASP A 157 -0.46 -7.14 1.31
CA ASP A 157 0.92 -6.77 1.64
C ASP A 157 1.07 -5.28 1.96
N LEU A 158 -0.03 -4.66 2.37
CA LEU A 158 -0.05 -3.23 2.69
C LEU A 158 0.96 -2.88 3.79
N LYS A 159 1.82 -1.91 3.51
CA LYS A 159 2.84 -1.47 4.46
C LYS A 159 3.35 -0.06 4.15
N PRO A 160 3.92 0.64 5.16
CA PRO A 160 4.48 1.98 4.98
C PRO A 160 5.44 2.10 3.79
N GLU A 161 6.11 0.99 3.45
CA GLU A 161 6.99 0.94 2.28
C GLU A 161 6.18 1.03 0.98
N ASN A 162 5.04 0.35 0.95
CA ASN A 162 4.16 0.35 -0.23
C ASN A 162 3.41 1.66 -0.44
N ILE A 163 3.19 2.39 0.65
CA ILE A 163 2.48 3.67 0.57
C ILE A 163 3.47 4.76 0.21
N LEU A 164 3.34 5.25 -1.03
CA LEU A 164 4.26 6.25 -1.55
C LEU A 164 3.63 7.63 -1.61
N LEU A 165 4.47 8.65 -1.70
CA LEU A 165 4.00 10.04 -1.65
C LEU A 165 4.50 10.84 -2.85
N ASN A 166 3.56 11.51 -3.52
CA ASN A 166 3.88 12.33 -4.69
C ASN A 166 4.33 13.74 -4.31
N GLU A 167 4.50 14.59 -5.32
CA GLU A 167 5.01 15.96 -5.12
C GLU A 167 4.24 16.74 -4.04
N ASP A 168 2.91 16.67 -4.09
CA ASP A 168 2.07 17.40 -3.14
C ASP A 168 1.85 16.68 -1.82
N MET A 169 2.61 15.60 -1.60
CA MET A 169 2.65 14.84 -0.34
C MET A 169 1.39 14.03 -0.02
N HIS A 170 0.64 13.66 -1.05
CA HIS A 170 -0.50 12.77 -0.89
C HIS A 170 -0.04 11.32 -1.13
N ILE A 171 -0.78 10.36 -0.59
CA ILE A 171 -0.40 8.95 -0.74
C ILE A 171 -0.67 8.44 -2.14
N GLN A 172 0.11 7.43 -2.53
CA GLN A 172 -0.10 6.67 -3.77
C GLN A 172 0.33 5.24 -3.53
N ILE A 173 -0.64 4.37 -3.25
CA ILE A 173 -0.38 2.98 -2.88
C ILE A 173 0.13 2.18 -4.08
N THR A 174 1.23 1.44 -3.87
CA THR A 174 1.83 0.63 -4.93
C THR A 174 1.98 -0.84 -4.54
N ASP A 175 2.55 -1.64 -5.45
CA ASP A 175 2.77 -3.08 -5.27
C ASP A 175 1.47 -3.88 -5.23
N PHE A 176 1.10 -4.42 -6.39
CA PHE A 176 -0.15 -5.17 -6.52
C PHE A 176 0.05 -6.53 -7.19
N GLY A 177 1.30 -6.94 -7.34
CA GLY A 177 1.62 -8.25 -7.91
C GLY A 177 1.15 -9.41 -7.06
N THR A 178 1.13 -9.19 -5.75
CA THR A 178 0.77 -10.23 -4.78
C THR A 178 -0.64 -10.06 -4.22
N ALA A 179 -1.34 -9.04 -4.69
CA ALA A 179 -2.72 -8.76 -4.28
C ALA A 179 -3.67 -9.83 -4.82
N LYS A 180 -4.79 -10.04 -4.14
CA LYS A 180 -5.78 -11.03 -4.57
C LYS A 180 -7.06 -10.40 -5.11
N VAL A 181 -7.39 -10.73 -6.36
CA VAL A 181 -8.61 -10.24 -7.00
C VAL A 181 -9.72 -11.27 -6.78
N LEU A 182 -10.84 -10.83 -6.21
CA LEU A 182 -11.99 -11.70 -5.98
C LEU A 182 -12.98 -11.63 -7.13
N SER A 183 -13.80 -12.67 -7.29
CA SER A 183 -14.84 -12.70 -8.32
C SER A 183 -16.19 -13.29 -7.88
N PRO A 184 -16.17 -14.30 -6.97
CA PRO A 184 -17.46 -14.86 -6.53
C PRO A 184 -18.18 -13.97 -5.52
N SER A 193 -2.88 -17.67 -2.79
CA SER A 193 -2.06 -18.36 -1.77
C SER A 193 -0.70 -17.70 -1.59
N PHE A 194 -0.57 -16.92 -0.51
CA PHE A 194 0.61 -16.07 -0.27
C PHE A 194 0.62 -15.52 1.16
N VAL A 195 1.82 -15.37 1.72
CA VAL A 195 2.00 -14.73 3.04
C VAL A 195 2.85 -13.46 2.88
N GLY A 196 2.35 -12.35 3.44
CA GLY A 196 2.96 -11.03 3.26
C GLY A 196 4.19 -10.73 4.10
N THR A 197 4.39 -9.45 4.40
CA THR A 197 5.48 -9.01 5.26
C THR A 197 5.11 -9.29 6.71
N ALA A 198 6.01 -10.00 7.40
CA ALA A 198 5.76 -10.57 8.73
C ALA A 198 5.06 -9.65 9.74
N GLN A 199 5.41 -8.37 9.71
CA GLN A 199 4.95 -7.43 10.73
C GLN A 199 3.51 -6.96 10.53
N TYR A 200 3.05 -6.95 9.28
CA TYR A 200 1.70 -6.48 8.94
C TYR A 200 0.80 -7.63 8.48
N VAL A 201 1.21 -8.85 8.85
CA VAL A 201 0.44 -10.06 8.54
C VAL A 201 -0.68 -10.23 9.56
N SER A 202 -1.87 -10.55 9.06
CA SER A 202 -3.04 -10.82 9.88
C SER A 202 -3.07 -12.28 10.34
N PRO A 203 -3.51 -12.52 11.59
CA PRO A 203 -3.46 -13.86 12.21
C PRO A 203 -4.17 -14.97 11.42
N GLU A 204 -5.21 -14.63 10.67
CA GLU A 204 -5.98 -15.62 9.92
C GLU A 204 -5.23 -16.20 8.72
N LEU A 205 -4.14 -15.54 8.32
CA LEU A 205 -3.26 -16.06 7.28
C LEU A 205 -2.34 -17.15 7.83
N LEU A 206 -1.97 -17.00 9.10
CA LEU A 206 -1.06 -17.93 9.76
C LEU A 206 -1.76 -19.19 10.26
N THR A 207 -3.09 -19.23 10.13
CA THR A 207 -3.90 -20.31 10.69
C THR A 207 -4.78 -21.02 9.67
N GLU A 208 -5.41 -20.26 8.77
CA GLU A 208 -6.43 -20.80 7.87
C GLU A 208 -6.04 -20.74 6.39
N LYS A 209 -4.97 -20.00 6.10
CA LYS A 209 -4.46 -19.82 4.72
C LYS A 209 -5.50 -19.18 3.80
N SER A 210 -6.31 -18.28 4.36
CA SER A 210 -7.41 -17.63 3.63
C SER A 210 -7.54 -16.14 3.96
N ALA A 211 -7.21 -15.30 2.98
CA ALA A 211 -7.20 -13.85 3.17
C ALA A 211 -8.49 -13.18 2.71
N SER A 212 -8.89 -12.13 3.42
CA SER A 212 -10.09 -11.38 3.10
C SER A 212 -9.78 -9.89 3.08
N LYS A 213 -10.79 -9.08 2.79
CA LYS A 213 -10.66 -7.62 2.79
C LYS A 213 -10.13 -7.12 4.13
N SER A 214 -10.53 -7.81 5.20
CA SER A 214 -10.16 -7.44 6.56
C SER A 214 -8.70 -7.73 6.91
N SER A 215 -8.02 -8.54 6.09
CA SER A 215 -6.59 -8.75 6.23
C SER A 215 -5.86 -7.42 6.07
N ASP A 216 -6.34 -6.62 5.12
CA ASP A 216 -5.82 -5.27 4.89
C ASP A 216 -6.22 -4.32 6.02
N LEU A 217 -7.39 -4.56 6.61
CA LEU A 217 -7.87 -3.74 7.73
C LEU A 217 -7.07 -4.02 9.00
N TRP A 218 -6.54 -5.23 9.12
CA TRP A 218 -5.57 -5.55 10.15
C TRP A 218 -4.30 -4.76 9.86
N ALA A 219 -3.81 -4.90 8.63
CA ALA A 219 -2.65 -4.15 8.16
C ALA A 219 -2.81 -2.65 8.36
N LEU A 220 -4.05 -2.17 8.20
CA LEU A 220 -4.38 -0.77 8.44
C LEU A 220 -4.14 -0.35 9.89
N GLY A 221 -4.57 -1.19 10.82
CA GLY A 221 -4.39 -0.94 12.25
C GLY A 221 -2.93 -0.84 12.66
N CYS A 222 -2.11 -1.74 12.15
CA CYS A 222 -0.66 -1.73 12.38
C CYS A 222 -0.04 -0.42 11.93
N ILE A 223 -0.43 0.04 10.74
CA ILE A 223 0.04 1.31 10.19
C ILE A 223 -0.37 2.49 11.07
N ILE A 224 -1.61 2.48 11.54
CA ILE A 224 -2.11 3.52 12.44
C ILE A 224 -1.28 3.55 13.72
N TYR A 225 -0.98 2.36 14.25
CA TYR A 225 -0.12 2.22 15.42
C TYR A 225 1.27 2.77 15.14
N GLN A 226 1.85 2.35 14.00
CA GLN A 226 3.19 2.76 13.59
C GLN A 226 3.33 4.27 13.39
N LEU A 227 2.27 4.89 12.88
CA LEU A 227 2.26 6.33 12.66
C LEU A 227 2.36 7.11 13.98
N VAL A 228 1.80 6.54 15.04
CA VAL A 228 1.78 7.18 16.37
C VAL A 228 2.99 6.80 17.21
N ALA A 229 3.29 5.50 17.25
CA ALA A 229 4.39 4.99 18.06
C ALA A 229 5.76 5.25 17.44
N GLY A 230 5.85 5.12 16.12
CA GLY A 230 7.12 5.22 15.40
C GLY A 230 7.63 3.84 15.06
N LEU A 231 6.91 2.82 15.54
CA LEU A 231 7.24 1.43 15.30
C LEU A 231 5.94 0.64 15.18
N PRO A 232 5.93 -0.42 14.34
CA PRO A 232 4.78 -1.32 14.25
C PRO A 232 4.52 -2.04 15.57
N PRO A 233 3.30 -2.62 15.75
CA PRO A 233 2.92 -3.18 17.06
C PRO A 233 3.69 -4.44 17.43
N PHE A 234 3.98 -5.26 16.43
CA PHE A 234 4.64 -6.55 16.67
C PHE A 234 6.04 -6.51 16.09
N ARG A 235 7.04 -6.58 16.96
CA ARG A 235 8.45 -6.62 16.54
C ARG A 235 9.21 -7.66 17.34
N ALA A 236 10.16 -8.32 16.68
CA ALA A 236 11.01 -9.31 17.31
C ALA A 236 12.29 -9.50 16.52
N GLY A 237 13.10 -10.47 16.93
CA GLY A 237 14.37 -10.76 16.27
C GLY A 237 14.23 -11.46 14.93
N ASN A 238 13.17 -12.24 14.77
CA ASN A 238 12.96 -13.02 13.55
C ASN A 238 11.48 -13.12 13.20
N GLU A 239 11.20 -13.58 11.99
CA GLU A 239 9.83 -13.76 11.51
C GLU A 239 8.96 -14.61 12.44
N TYR A 240 9.52 -15.73 12.89
CA TYR A 240 8.79 -16.69 13.74
C TYR A 240 8.26 -16.07 15.03
N LEU A 241 9.11 -15.31 15.71
CA LEU A 241 8.72 -14.64 16.95
C LEU A 241 7.66 -13.56 16.72
N ILE A 242 7.77 -12.88 15.57
CA ILE A 242 6.77 -11.89 15.16
C ILE A 242 5.43 -12.58 14.90
N PHE A 243 5.48 -13.66 14.11
CA PHE A 243 4.30 -14.48 13.87
C PHE A 243 3.71 -14.97 15.18
N GLN A 244 4.57 -15.39 16.10
CA GLN A 244 4.16 -15.89 17.41
C GLN A 244 3.36 -14.84 18.18
N LYS A 245 3.87 -13.61 18.20
CA LYS A 245 3.25 -12.50 18.92
C LYS A 245 1.90 -12.08 18.34
N ILE A 246 1.78 -12.18 17.02
CA ILE A 246 0.55 -11.81 16.32
C ILE A 246 -0.62 -12.71 16.73
N ILE A 247 -0.44 -14.02 16.62
CA ILE A 247 -1.50 -14.99 16.94
C ILE A 247 -1.91 -14.93 18.41
N LYS A 248 -0.96 -14.56 19.28
CA LYS A 248 -1.22 -14.40 20.70
C LYS A 248 -1.76 -13.01 21.00
N LEU A 249 -1.69 -12.12 20.00
CA LEU A 249 -2.10 -10.71 20.12
C LEU A 249 -1.24 -9.98 21.16
N GLU A 250 0.08 -10.12 21.02
CA GLU A 250 1.03 -9.57 21.97
C GLU A 250 1.61 -8.23 21.53
N TYR A 251 0.95 -7.16 21.95
CA TYR A 251 1.40 -5.79 21.76
C TYR A 251 0.75 -4.90 22.82
N ASP A 252 1.38 -3.78 23.13
CA ASP A 252 0.79 -2.81 24.07
C ASP A 252 1.16 -1.37 23.72
N PHE A 253 0.35 -0.43 24.21
CA PHE A 253 0.47 0.97 23.85
C PHE A 253 1.40 1.76 24.78
N PRO A 254 2.16 2.73 24.22
CA PRO A 254 2.87 3.72 25.03
C PRO A 254 1.93 4.64 25.82
N GLU A 255 2.47 5.32 26.83
CA GLU A 255 1.67 6.11 27.76
C GLU A 255 1.02 7.36 27.14
N LYS A 256 1.63 7.87 26.08
CA LYS A 256 1.15 9.10 25.43
C LYS A 256 0.25 8.84 24.23
N PHE A 257 0.16 7.57 23.80
CA PHE A 257 -0.62 7.16 22.63
C PHE A 257 -2.00 7.81 22.61
N PHE A 258 -2.36 8.41 21.48
CA PHE A 258 -3.63 9.12 21.33
C PHE A 258 -4.81 8.19 21.65
N PRO A 259 -5.70 8.63 22.56
CA PRO A 259 -6.78 7.76 23.05
C PRO A 259 -7.79 7.39 21.96
N LYS A 260 -8.10 8.33 21.09
CA LYS A 260 -9.06 8.10 20.01
C LYS A 260 -8.45 7.26 18.89
N ALA A 261 -7.12 7.30 18.78
CA ALA A 261 -6.40 6.45 17.83
C ALA A 261 -6.21 5.05 18.39
N ARG A 262 -6.04 4.98 19.71
CA ARG A 262 -5.91 3.71 20.42
C ARG A 262 -7.16 2.84 20.22
N ASP A 263 -8.32 3.45 20.42
CA ASP A 263 -9.60 2.76 20.28
C ASP A 263 -9.79 2.19 18.88
N LEU A 264 -9.44 2.98 17.88
CA LEU A 264 -9.51 2.57 16.48
C LEU A 264 -8.64 1.36 16.22
N VAL A 265 -7.40 1.42 16.68
CA VAL A 265 -6.47 0.30 16.60
C VAL A 265 -7.07 -0.94 17.27
N GLU A 266 -7.63 -0.75 18.46
CA GLU A 266 -8.25 -1.83 19.23
C GLU A 266 -9.41 -2.49 18.48
N LYS A 267 -10.20 -1.68 17.78
CA LYS A 267 -11.31 -2.17 16.97
C LYS A 267 -10.85 -2.73 15.63
N LEU A 268 -9.56 -2.55 15.32
CA LEU A 268 -8.98 -3.04 14.07
C LEU A 268 -8.01 -4.21 14.22
N LEU A 269 -7.31 -4.25 15.35
CA LEU A 269 -6.39 -5.36 15.63
C LEU A 269 -7.06 -6.43 16.48
N VAL A 270 -8.03 -7.12 15.87
CA VAL A 270 -8.77 -8.19 16.52
C VAL A 270 -8.42 -9.52 15.89
N LEU A 271 -8.29 -10.57 16.71
CA LEU A 271 -7.96 -11.91 16.22
C LEU A 271 -9.04 -12.50 15.29
N ASP A 272 -10.30 -12.20 15.59
CA ASP A 272 -11.40 -12.59 14.72
C ASP A 272 -11.59 -11.54 13.63
N ALA A 273 -11.50 -11.97 12.38
CA ALA A 273 -11.57 -11.09 11.21
C ALA A 273 -12.97 -10.52 10.97
N THR A 274 -13.99 -11.23 11.45
CA THR A 274 -15.38 -10.80 11.28
C THR A 274 -15.79 -9.72 12.29
N LYS A 275 -14.96 -9.51 13.31
CA LYS A 275 -15.21 -8.51 14.35
C LYS A 275 -14.38 -7.23 14.17
N ARG A 276 -13.72 -7.11 13.02
CA ARG A 276 -12.87 -5.95 12.73
C ARG A 276 -13.65 -4.80 12.11
N LEU A 277 -13.57 -3.63 12.76
CA LEU A 277 -14.27 -2.43 12.33
C LEU A 277 -13.99 -2.06 10.88
N GLY A 278 -14.99 -2.28 10.02
CA GLY A 278 -14.85 -2.01 8.59
C GLY A 278 -15.18 -3.18 7.69
N CYS A 279 -15.07 -4.40 8.22
CA CYS A 279 -15.35 -5.62 7.47
C CYS A 279 -16.84 -5.79 7.20
N GLU A 280 -17.17 -6.58 6.17
CA GLU A 280 -18.56 -6.76 5.71
C GLU A 280 -19.56 -7.12 6.82
N GLU A 281 -19.12 -7.94 7.78
CA GLU A 281 -19.94 -8.27 8.94
C GLU A 281 -20.15 -7.07 9.85
N MET A 282 -19.16 -6.16 9.88
CA MET A 282 -19.29 -4.87 10.56
C MET A 282 -19.89 -3.82 9.62
N GLU A 283 -20.48 -4.32 8.53
CA GLU A 283 -21.35 -3.55 7.62
C GLU A 283 -20.66 -2.43 6.83
N GLY A 284 -19.51 -2.74 6.24
CA GLY A 284 -18.82 -1.81 5.33
C GLY A 284 -17.98 -0.75 6.01
N TYR A 285 -17.69 0.30 5.26
CA TYR A 285 -16.73 1.33 5.65
C TYR A 285 -17.31 2.50 6.43
N GLY A 286 -18.62 2.69 6.32
CA GLY A 286 -19.33 3.77 7.00
C GLY A 286 -18.99 3.94 8.48
N PRO A 287 -19.14 2.85 9.28
CA PRO A 287 -18.81 2.90 10.70
C PRO A 287 -17.33 3.18 10.96
N LEU A 288 -16.46 2.70 10.09
CA LEU A 288 -15.01 2.92 10.23
C LEU A 288 -14.68 4.40 10.09
N LYS A 289 -15.27 5.03 9.07
CA LYS A 289 -15.10 6.45 8.83
C LYS A 289 -15.73 7.29 9.95
N ALA A 290 -16.82 6.77 10.52
CA ALA A 290 -17.56 7.47 11.57
C ALA A 290 -16.80 7.58 12.88
N HIS A 291 -15.90 6.63 13.13
CA HIS A 291 -15.09 6.56 14.36
C HIS A 291 -14.62 7.94 14.82
N PRO A 292 -14.79 8.25 16.13
CA PRO A 292 -14.43 9.52 16.76
C PRO A 292 -13.10 10.12 16.27
N PHE A 293 -12.14 9.25 15.96
CA PHE A 293 -10.82 9.65 15.48
C PHE A 293 -10.88 10.40 14.14
N PHE A 294 -11.95 10.19 13.39
CA PHE A 294 -12.20 10.92 12.15
C PHE A 294 -13.40 11.87 12.30
N GLU A 295 -13.36 12.71 13.33
CA GLU A 295 -14.46 13.64 13.60
C GLU A 295 -14.36 14.91 12.76
N SER A 296 -13.14 15.42 12.58
CA SER A 296 -12.90 16.67 11.86
C SER A 296 -12.60 16.47 10.37
N VAL A 297 -12.36 15.22 9.99
CA VAL A 297 -11.96 14.87 8.62
C VAL A 297 -13.13 15.03 7.65
N THR A 298 -12.95 15.85 6.63
CA THR A 298 -13.94 15.96 5.55
C THR A 298 -13.52 15.03 4.43
N TRP A 299 -14.23 13.90 4.31
CA TRP A 299 -13.90 12.86 3.33
C TRP A 299 -14.21 13.28 1.88
N GLU A 300 -14.66 14.53 1.71
CA GLU A 300 -15.14 15.04 0.41
C GLU A 300 -14.13 14.94 -0.73
N ASN A 301 -12.99 15.61 -0.58
CA ASN A 301 -11.93 15.60 -1.60
C ASN A 301 -10.56 15.73 -0.96
N LEU A 302 -10.10 14.63 -0.37
CA LEU A 302 -8.85 14.59 0.39
C LEU A 302 -7.61 14.89 -0.43
N HIS A 303 -7.58 14.44 -1.69
CA HIS A 303 -6.42 14.63 -2.56
C HIS A 303 -6.26 16.07 -3.04
N GLN A 304 -7.36 16.82 -3.03
CA GLN A 304 -7.36 18.26 -3.34
C GLN A 304 -7.02 19.11 -2.11
N GLN A 305 -7.10 18.49 -0.92
CA GLN A 305 -6.77 19.16 0.32
C GLN A 305 -5.26 19.35 0.47
N THR A 306 -4.87 20.07 1.51
CA THR A 306 -3.45 20.32 1.79
C THR A 306 -3.00 19.48 2.99
N PRO A 307 -2.09 18.51 2.75
CA PRO A 307 -1.55 17.68 3.84
C PRO A 307 -0.74 18.50 4.83
N PRO A 308 -0.90 18.22 6.13
CA PRO A 308 -0.14 18.94 7.16
C PRO A 308 1.37 18.72 7.03
N LYS A 309 2.16 19.73 7.38
CA LYS A 309 3.62 19.60 7.40
C LYS A 309 4.05 18.66 8.52
N LEU A 310 5.17 17.98 8.33
CA LEU A 310 5.60 16.91 9.25
C LEU A 310 6.55 17.39 10.35
N THR A 311 5.96 17.64 11.53
CA THR A 311 6.65 18.15 12.74
C THR A 311 7.94 18.96 12.50
#